data_7JUZ
#
_entry.id   7JUZ
#
_cell.length_a   136.400
_cell.length_b   136.400
_cell.length_c   216.600
_cell.angle_alpha   90.00
_cell.angle_beta   90.00
_cell.angle_gamma   120.00
#
_symmetry.space_group_name_H-M   'P 61 2 2'
#
loop_
_entity.id
_entity.type
_entity.pdbx_description
1 polymer 'Kinase suppressor of Ras 1'
2 polymer 'Dual specificity mitogen-activated protein kinase kinase 1'
3 non-polymer 'PHOSPHOAMINOPHOSPHONIC ACID-ADENYLATE ESTER'
4 non-polymer 5-[(4-bromo-2-chlorophenyl)amino]-4-fluoro-N-(2-hydroxyethoxy)-1-methyl-1H-benzimidazole-6-carboxamide
#
loop_
_entity_poly.entity_id
_entity_poly.type
_entity_poly.pdbx_seq_one_letter_code
_entity_poly.pdbx_strand_id
1 'polypeptide(L)'
;MSYYHHHHHHDYDIPTTENLYFQGAPISRKASQTSVYLQEWDIPFEQVELGEPIGQGRWGRVHRGRWHGEVAIRLLEMDG
HNQDHLKLFKKEVMNYRQTRHENVVLFMGACMNPPHLAIITSFCKGRTLHSFVRDPKTSLDINKTRQIAQEIIKGMGYLH
AKGIVHKDLKSKNVFYDNGKVVITDFGLFGISGVVREGRRENQLKLSHDWLCYLAPEIVREMTPGKDEDQLPFSKAADVY
AFGTVWYELQARDWPLKNQAAEASIWQIGSGEGMKRVLTSVSLGKEVSEILSACWAFDLQERPSFSLLMDMLEKLPKLNR
RLSHPGHFWKSAEI
;
A
2 'polypeptide(L)'
;MSYYHHHHHHDYDIPTTENLYFQGAKKLEELELDEQQRKRLEAFLTQKQKVGELKDDDFEKISELGAGNGGVVFKVSHKP
SGLVMARKLIHLEIKPAIRNQIIRELQVLHECNSPYIVGFYGAFYSDGEISICMEHMDGGSLDQVLKKAGRIPEQILGKV
SIAVIKGLTYLREKHKIMHRDVKPSNILVNSRGEIKLCDFGVSGQLIDSMANSFVGTRSYMSPERLQGTHYSVQSDIWSM
GLSLVEMAVGRYPIPPPDAKELELMFGCQVEGDAAETPPRPRTPGRPLSSYGMDSRPPMAIFELLDYIVNEPPPKLPSAV
FSLEFQDFVNKCLIKNPAERADLKQLMVHAFIKRSDAEEVDFAGWLCSTIGLNQPSTPTHAAGV
;
C
#
loop_
_chem_comp.id
_chem_comp.type
_chem_comp.name
_chem_comp.formula
3EW non-polymer 5-[(4-bromo-2-chlorophenyl)amino]-4-fluoro-N-(2-hydroxyethoxy)-1-methyl-1H-benzimidazole-6-carboxamide 'C17 H15 Br Cl F N4 O3'
ANP non-polymer 'PHOSPHOAMINOPHOSPHONIC ACID-ADENYLATE ESTER' 'C10 H17 N6 O12 P3'
#
# COMPACT_ATOMS: atom_id res chain seq x y z
N VAL A 36 16.56 -8.73 31.72
CA VAL A 36 17.64 -7.77 31.66
C VAL A 36 17.34 -6.54 32.52
N TYR A 37 18.18 -6.31 33.53
CA TYR A 37 18.03 -5.20 34.46
C TYR A 37 19.02 -4.08 34.18
N LEU A 38 19.72 -4.14 33.04
CA LEU A 38 20.63 -3.12 32.55
C LEU A 38 21.93 -3.07 33.37
N GLN A 39 21.88 -3.51 34.63
CA GLN A 39 23.10 -3.68 35.41
C GLN A 39 23.92 -4.88 34.95
N GLU A 40 23.37 -5.71 34.06
CA GLU A 40 24.09 -6.83 33.48
C GLU A 40 24.98 -6.43 32.32
N TRP A 41 25.10 -5.13 32.05
CA TRP A 41 25.85 -4.65 30.91
C TRP A 41 27.13 -3.95 31.35
N ASP A 42 28.12 -3.95 30.46
CA ASP A 42 29.40 -3.34 30.79
C ASP A 42 29.36 -1.82 30.78
N ILE A 43 28.30 -1.21 30.29
CA ILE A 43 28.16 0.23 30.39
C ILE A 43 27.61 0.53 31.77
N PRO A 44 28.37 1.19 32.62
CA PRO A 44 27.91 1.48 33.98
C PRO A 44 26.67 2.36 33.93
N PHE A 45 25.66 1.96 34.68
CA PHE A 45 24.35 2.60 34.64
C PHE A 45 23.94 2.97 36.05
N GLU A 46 23.70 4.25 36.28
CA GLU A 46 22.95 4.69 37.46
C GLU A 46 21.57 5.16 37.10
N GLN A 47 21.46 5.99 36.07
CA GLN A 47 20.20 6.61 35.69
C GLN A 47 20.29 7.01 34.22
N VAL A 48 19.24 6.72 33.46
CA VAL A 48 19.07 7.29 32.13
C VAL A 48 17.75 8.04 32.11
N GLU A 49 17.74 9.17 31.41
CA GLU A 49 16.57 10.02 31.35
C GLU A 49 16.04 10.05 29.93
N LEU A 50 14.73 9.87 29.78
CA LEU A 50 14.08 10.01 28.50
C LEU A 50 14.04 11.47 28.08
N GLY A 51 14.16 11.72 26.79
CA GLY A 51 13.99 13.06 26.26
C GLY A 51 12.87 13.12 25.23
N GLU A 52 12.89 14.15 24.39
CA GLU A 52 11.82 14.30 23.42
C GLU A 52 11.82 13.10 22.46
N PRO A 53 10.65 12.63 22.05
CA PRO A 53 10.60 11.64 20.96
C PRO A 53 11.06 12.28 19.66
N ILE A 54 11.55 11.45 18.75
CA ILE A 54 12.15 11.96 17.53
C ILE A 54 11.65 11.16 16.32
N GLY A 55 10.35 11.04 16.18
CA GLY A 55 9.80 10.32 15.05
C GLY A 55 9.39 8.91 15.42
N GLN A 56 8.40 8.39 14.68
CA GLN A 56 7.86 7.08 14.98
C GLN A 56 8.11 6.13 13.81
N GLY A 57 7.77 4.87 14.04
CA GLY A 57 7.90 3.83 13.03
C GLY A 57 7.17 2.59 13.48
N ARG A 58 7.32 1.53 12.67
CA ARG A 58 6.66 0.27 13.03
C ARG A 58 7.20 -0.27 14.35
N TRP A 59 8.42 0.10 14.71
CA TRP A 59 9.12 -0.47 15.87
C TRP A 59 9.19 0.60 16.96
N GLY A 60 8.14 0.65 17.76
CA GLY A 60 7.96 1.50 18.89
C GLY A 60 8.33 2.96 18.62
N ARG A 61 8.67 3.62 19.71
CA ARG A 61 8.95 5.05 19.73
C ARG A 61 10.39 5.26 20.17
N VAL A 62 11.15 5.97 19.35
CA VAL A 62 12.55 6.27 19.63
C VAL A 62 12.63 7.63 20.29
N HIS A 63 13.17 7.68 21.49
CA HIS A 63 13.39 8.92 22.21
C HIS A 63 14.87 9.25 22.27
N ARG A 64 15.19 10.53 22.10
CA ARG A 64 16.49 11.02 22.51
C ARG A 64 16.58 10.93 24.03
N GLY A 65 17.79 10.80 24.54
CA GLY A 65 17.95 10.63 25.97
C GLY A 65 19.39 10.91 26.33
N ARG A 66 19.63 11.03 27.64
CA ARG A 66 20.99 11.21 28.14
C ARG A 66 21.34 10.05 29.06
N TRP A 67 22.46 9.40 28.77
CA TRP A 67 23.06 8.48 29.71
C TRP A 67 23.61 9.31 30.86
N HIS A 68 28.86 11.99 30.43
CA HIS A 68 27.45 12.02 30.11
C HIS A 68 27.32 12.08 28.59
N GLY A 69 26.44 11.28 28.03
CA GLY A 69 26.27 11.26 26.58
C GLY A 69 24.82 11.09 26.20
N GLU A 70 24.46 11.63 25.05
CA GLU A 70 23.13 11.42 24.50
C GLU A 70 23.02 10.00 23.94
N VAL A 71 21.85 9.41 24.10
CA VAL A 71 21.58 8.05 23.62
C VAL A 71 20.22 8.03 22.94
N ALA A 72 20.01 6.98 22.17
CA ALA A 72 18.72 6.75 21.52
C ALA A 72 18.02 5.60 22.24
N ILE A 73 16.80 5.83 22.67
CA ILE A 73 16.05 4.85 23.46
C ILE A 73 14.80 4.48 22.68
N ARG A 74 14.64 3.19 22.39
CA ARG A 74 13.52 2.67 21.62
C ARG A 74 12.62 1.89 22.56
N LEU A 75 11.37 2.31 22.67
CA LEU A 75 10.41 1.70 23.58
C LEU A 75 9.52 0.75 22.79
N LEU A 76 9.58 -0.53 23.13
CA LEU A 76 8.79 -1.56 22.47
C LEU A 76 7.84 -2.20 23.49
N GLU A 77 6.89 -2.98 22.97
CA GLU A 77 5.95 -3.72 23.79
C GLU A 77 5.77 -5.12 23.21
N MET A 78 5.85 -6.13 24.06
CA MET A 78 5.67 -7.52 23.65
C MET A 78 4.22 -7.92 23.92
N ASP A 79 3.40 -7.91 22.86
CA ASP A 79 2.06 -8.46 22.96
C ASP A 79 2.10 -9.97 23.16
N GLY A 80 3.04 -10.64 22.47
CA GLY A 80 3.12 -12.09 22.58
C GLY A 80 3.20 -12.57 24.01
N HIS A 81 4.01 -11.89 24.83
CA HIS A 81 4.12 -12.14 26.27
C HIS A 81 4.45 -13.59 26.56
N ASN A 82 4.91 -14.33 25.56
CA ASN A 82 5.17 -15.76 25.65
C ASN A 82 6.64 -16.00 25.90
N GLN A 83 6.94 -16.92 26.83
CA GLN A 83 8.31 -17.14 27.28
C GLN A 83 9.26 -17.40 26.12
N ASP A 84 8.78 -18.01 25.04
CA ASP A 84 9.65 -18.31 23.91
C ASP A 84 10.09 -17.03 23.21
N HIS A 85 9.20 -16.05 23.12
CA HIS A 85 9.59 -14.76 22.54
C HIS A 85 10.70 -14.11 23.34
N LEU A 86 10.57 -14.13 24.68
CA LEU A 86 11.55 -13.48 25.53
C LEU A 86 12.86 -14.24 25.59
N LYS A 87 12.81 -15.57 25.53
CA LYS A 87 14.05 -16.36 25.53
C LYS A 87 14.88 -16.04 24.29
N LEU A 88 14.24 -15.97 23.12
CA LEU A 88 14.96 -15.58 21.91
C LEU A 88 15.38 -14.12 21.96
N PHE A 89 14.55 -13.27 22.58
CA PHE A 89 14.95 -11.87 22.79
C PHE A 89 16.20 -11.81 23.66
N LYS A 90 16.20 -12.52 24.79
CA LYS A 90 17.39 -12.56 25.65
C LYS A 90 18.60 -13.08 24.89
N LYS A 91 18.40 -14.06 24.00
CA LYS A 91 19.49 -14.57 23.19
C LYS A 91 20.08 -13.49 22.30
N GLU A 92 19.20 -12.71 21.64
CA GLU A 92 19.68 -11.74 20.66
C GLU A 92 20.35 -10.54 21.34
N VAL A 93 19.75 -10.03 22.42
CA VAL A 93 20.32 -8.85 23.06
C VAL A 93 21.64 -9.18 23.73
N MET A 94 21.81 -10.42 24.19
CA MET A 94 23.10 -10.81 24.74
C MET A 94 24.14 -10.94 23.64
N ASN A 95 23.71 -11.28 22.42
CA ASN A 95 24.65 -11.31 21.30
C ASN A 95 25.09 -9.91 20.91
N TYR A 96 24.14 -8.96 20.86
CA TYR A 96 24.49 -7.58 20.54
C TYR A 96 25.41 -6.98 21.59
N ARG A 97 25.39 -7.52 22.81
CA ARG A 97 26.36 -7.12 23.82
C ARG A 97 27.79 -7.34 23.32
N GLN A 98 28.02 -8.38 22.52
CA GLN A 98 29.35 -8.70 22.06
C GLN A 98 29.83 -7.84 20.90
N THR A 99 29.04 -6.86 20.46
CA THR A 99 29.36 -6.11 19.25
C THR A 99 30.01 -4.78 19.60
N ARG A 100 31.01 -4.40 18.81
CA ARG A 100 31.59 -3.07 18.90
C ARG A 100 32.40 -2.83 17.63
N HIS A 101 32.02 -1.80 16.86
CA HIS A 101 32.68 -1.51 15.59
C HIS A 101 32.39 -0.07 15.21
N GLU A 102 33.36 0.59 14.58
CA GLU A 102 33.24 2.01 14.30
C GLU A 102 32.18 2.33 13.25
N ASN A 103 31.67 1.34 12.54
CA ASN A 103 30.63 1.53 11.54
C ASN A 103 29.30 0.92 11.94
N VAL A 104 29.24 0.26 13.10
CA VAL A 104 27.99 -0.21 13.66
C VAL A 104 27.68 0.66 14.87
N VAL A 105 26.40 1.04 15.02
CA VAL A 105 26.01 1.85 16.16
C VAL A 105 26.31 1.05 17.42
N LEU A 106 26.77 1.76 18.45
CA LEU A 106 27.10 1.09 19.71
C LEU A 106 25.82 0.67 20.41
N PHE A 107 25.60 -0.64 20.50
CA PHE A 107 24.58 -1.18 21.38
C PHE A 107 25.06 -1.07 22.81
N MET A 108 24.29 -0.41 23.66
CA MET A 108 24.72 -0.15 25.02
C MET A 108 24.00 -1.03 26.03
N GLY A 109 22.69 -0.97 26.06
CA GLY A 109 21.97 -1.85 26.95
C GLY A 109 20.56 -2.07 26.47
N ALA A 110 19.93 -3.04 27.12
CA ALA A 110 18.52 -3.32 26.91
C ALA A 110 17.95 -3.79 28.23
N CYS A 111 16.77 -3.29 28.60
CA CYS A 111 16.11 -3.74 29.80
C CYS A 111 14.70 -4.20 29.47
N MET A 112 14.33 -5.36 29.99
CA MET A 112 13.02 -5.95 29.73
C MET A 112 12.27 -6.10 31.06
N ASN A 113 11.29 -5.26 31.25
CA ASN A 113 10.28 -5.43 32.28
C ASN A 113 9.00 -5.78 31.55
N PRO A 114 8.82 -7.05 31.20
CA PRO A 114 7.76 -7.42 30.23
C PRO A 114 6.39 -6.97 30.69
N PRO A 115 5.53 -6.52 29.77
CA PRO A 115 5.77 -6.53 28.33
C PRO A 115 6.61 -5.37 27.82
N HIS A 116 6.99 -4.45 28.71
CA HIS A 116 7.73 -3.26 28.29
C HIS A 116 9.21 -3.58 28.12
N LEU A 117 9.74 -3.24 26.95
CA LEU A 117 11.15 -3.40 26.65
C LEU A 117 11.70 -2.07 26.16
N ALA A 118 13.01 -1.90 26.29
CA ALA A 118 13.67 -0.69 25.83
C ALA A 118 15.07 -1.04 25.38
N ILE A 119 15.46 -0.49 24.23
CA ILE A 119 16.77 -0.72 23.65
C ILE A 119 17.49 0.62 23.59
N ILE A 120 18.72 0.66 24.09
CA ILE A 120 19.46 1.90 24.23
C ILE A 120 20.73 1.80 23.41
N THR A 121 20.85 2.67 22.41
CA THR A 121 22.04 2.74 21.57
C THR A 121 22.63 4.14 21.62
N SER A 122 23.88 4.25 21.18
CA SER A 122 24.51 5.55 21.10
C SER A 122 23.71 6.44 20.15
N PHE A 123 23.55 7.70 20.53
CA PHE A 123 22.82 8.65 19.70
C PHE A 123 23.72 9.15 18.59
N CYS A 124 23.21 9.10 17.36
CA CYS A 124 23.94 9.48 16.17
C CYS A 124 23.65 10.95 15.87
N LYS A 125 24.62 11.82 16.11
CA LYS A 125 24.51 13.17 15.58
C LYS A 125 24.69 13.12 14.06
N GLY A 126 24.19 14.15 13.40
CA GLY A 126 24.23 14.20 11.95
C GLY A 126 22.96 13.67 11.32
N ARG A 127 23.02 13.56 9.99
CA ARG A 127 21.85 13.30 9.17
C ARG A 127 21.80 11.82 8.75
N THR A 128 20.58 11.28 8.67
CA THR A 128 20.41 9.97 8.08
C THR A 128 20.87 10.01 6.63
N LEU A 129 21.48 8.91 6.18
CA LEU A 129 21.94 8.88 4.80
C LEU A 129 20.79 9.09 3.83
N HIS A 130 19.59 8.68 4.23
CA HIS A 130 18.40 8.92 3.41
C HIS A 130 18.25 10.40 3.09
N SER A 131 18.03 11.22 4.13
CA SER A 131 17.90 12.66 3.93
C SER A 131 19.16 13.32 3.40
N PHE A 132 20.32 12.64 3.49
CA PHE A 132 21.57 13.28 3.08
C PHE A 132 21.72 13.31 1.56
N VAL A 133 21.50 12.17 0.90
CA VAL A 133 21.63 12.11 -0.56
C VAL A 133 20.53 12.95 -1.21
N ARG A 134 19.35 13.02 -0.60
CA ARG A 134 18.24 13.78 -1.16
C ARG A 134 18.38 15.29 -0.93
N ASP A 135 19.46 15.74 -0.32
CA ASP A 135 19.65 17.17 -0.12
C ASP A 135 20.06 17.83 -1.43
N PRO A 136 19.45 18.96 -1.79
CA PRO A 136 20.01 19.74 -2.91
C PRO A 136 21.46 20.15 -2.68
N LYS A 137 21.76 20.67 -1.49
CA LYS A 137 23.09 21.18 -1.20
C LYS A 137 24.16 20.08 -1.17
N THR A 138 23.77 18.83 -0.96
CA THR A 138 24.77 17.78 -0.79
C THR A 138 25.53 17.56 -2.10
N SER A 139 26.81 17.22 -1.98
CA SER A 139 27.69 17.10 -3.14
C SER A 139 28.20 15.66 -3.20
N LEU A 140 27.42 14.80 -3.83
CA LEU A 140 27.87 13.43 -4.05
C LEU A 140 28.73 13.35 -5.30
N ASP A 141 29.65 12.39 -5.31
CA ASP A 141 30.55 12.22 -6.45
C ASP A 141 31.06 10.79 -6.45
N ILE A 142 31.75 10.43 -7.54
CA ILE A 142 32.15 9.04 -7.76
C ILE A 142 33.07 8.56 -6.63
N ASN A 143 33.78 9.47 -5.98
CA ASN A 143 34.63 9.09 -4.85
C ASN A 143 33.87 9.06 -3.53
N LYS A 144 33.12 10.12 -3.23
CA LYS A 144 32.36 10.17 -1.98
C LYS A 144 31.44 8.97 -1.83
N THR A 145 30.79 8.57 -2.92
CA THR A 145 29.91 7.41 -2.86
C THR A 145 30.69 6.13 -2.61
N ARG A 146 31.88 6.01 -3.20
CA ARG A 146 32.68 4.81 -2.94
C ARG A 146 33.12 4.78 -1.49
N GLN A 147 33.54 5.93 -0.95
CA GLN A 147 34.01 5.97 0.44
C GLN A 147 32.89 5.62 1.41
N ILE A 148 31.73 6.27 1.26
CA ILE A 148 30.59 5.98 2.12
C ILE A 148 30.22 4.50 2.05
N ALA A 149 30.24 3.93 0.83
CA ALA A 149 29.79 2.55 0.68
C ALA A 149 30.77 1.57 1.31
N GLN A 150 32.08 1.85 1.22
CA GLN A 150 33.05 0.97 1.87
C GLN A 150 32.88 0.99 3.38
N GLU A 151 32.56 2.15 3.95
CA GLU A 151 32.25 2.22 5.37
C GLU A 151 31.10 1.30 5.72
N ILE A 152 30.02 1.37 4.94
CA ILE A 152 28.84 0.55 5.21
C ILE A 152 29.16 -0.93 5.08
N ILE A 153 30.04 -1.27 4.13
CA ILE A 153 30.38 -2.68 3.93
C ILE A 153 31.19 -3.20 5.10
N LYS A 154 32.11 -2.38 5.61
CA LYS A 154 32.87 -2.78 6.79
C LYS A 154 31.94 -3.09 7.96
N GLY A 155 30.99 -2.20 8.22
CA GLY A 155 30.02 -2.45 9.29
C GLY A 155 29.17 -3.67 9.05
N MET A 156 28.73 -3.87 7.79
CA MET A 156 27.96 -5.06 7.49
C MET A 156 28.84 -6.31 7.51
N GLY A 157 30.13 -6.17 7.16
CA GLY A 157 31.04 -7.27 7.28
C GLY A 157 31.18 -7.74 8.72
N TYR A 158 31.40 -6.81 9.64
CA TYR A 158 31.52 -7.15 11.06
C TYR A 158 30.26 -7.85 11.56
N LEU A 159 29.10 -7.24 11.34
CA LEU A 159 27.84 -7.83 11.78
C LEU A 159 27.68 -9.25 11.25
N HIS A 160 28.09 -9.48 10.01
CA HIS A 160 27.93 -10.82 9.45
C HIS A 160 28.94 -11.77 10.06
N ALA A 161 30.17 -11.29 10.30
CA ALA A 161 31.18 -12.13 10.94
C ALA A 161 30.69 -12.67 12.26
N LYS A 162 29.98 -11.85 13.03
CA LYS A 162 29.37 -12.27 14.28
C LYS A 162 28.05 -12.99 14.06
N GLY A 163 27.73 -13.37 12.82
CA GLY A 163 26.52 -14.11 12.52
C GLY A 163 25.24 -13.33 12.75
N ILE A 164 25.33 -12.01 12.81
CA ILE A 164 24.16 -11.16 13.00
C ILE A 164 23.69 -10.66 11.63
N VAL A 165 22.47 -11.01 11.27
CA VAL A 165 21.84 -10.49 10.07
C VAL A 165 21.13 -9.20 10.43
N HIS A 166 21.40 -8.15 9.67
CA HIS A 166 20.79 -6.85 9.95
C HIS A 166 19.28 -6.91 9.82
N LYS A 167 18.79 -7.45 8.71
CA LYS A 167 17.37 -7.64 8.40
C LYS A 167 16.63 -6.33 8.14
N ASP A 168 17.30 -5.19 8.16
CA ASP A 168 16.62 -3.91 7.95
C ASP A 168 17.64 -2.86 7.54
N LEU A 169 18.60 -3.25 6.71
CA LEU A 169 19.55 -2.31 6.14
C LEU A 169 18.85 -1.43 5.11
N LYS A 170 18.90 -0.11 5.31
CA LYS A 170 18.32 0.83 4.38
C LYS A 170 18.93 2.19 4.64
N SER A 171 18.56 3.16 3.81
CA SER A 171 19.25 4.43 3.91
C SER A 171 18.83 5.19 5.16
N LYS A 172 17.60 4.98 5.64
CA LYS A 172 17.12 5.64 6.85
C LYS A 172 17.81 5.09 8.10
N ASN A 173 18.40 3.91 8.01
CA ASN A 173 19.11 3.28 9.11
C ASN A 173 20.62 3.34 8.94
N VAL A 174 21.13 4.40 8.30
CA VAL A 174 22.56 4.67 8.15
C VAL A 174 22.79 6.15 8.36
N PHE A 175 23.71 6.49 9.26
CA PHE A 175 23.91 7.88 9.64
C PHE A 175 25.24 8.39 9.11
N TYR A 176 25.24 9.64 8.68
CA TYR A 176 26.41 10.29 8.09
C TYR A 176 26.62 11.62 8.81
N ASP A 177 27.66 11.69 9.63
CA ASP A 177 28.06 12.91 10.30
C ASP A 177 29.48 13.23 9.86
N ASN A 178 29.63 14.33 9.10
CA ASN A 178 30.91 14.71 8.51
C ASN A 178 31.53 13.52 7.79
N GLY A 179 32.66 13.02 8.28
CA GLY A 179 33.31 11.92 7.61
C GLY A 179 32.71 10.56 7.89
N LYS A 180 32.25 10.35 9.13
CA LYS A 180 32.00 9.01 9.63
C LYS A 180 30.58 8.54 9.36
N VAL A 181 30.45 7.23 9.15
CA VAL A 181 29.20 6.59 8.75
C VAL A 181 28.89 5.47 9.74
N VAL A 182 27.63 5.40 10.19
CA VAL A 182 27.21 4.47 11.23
C VAL A 182 25.96 3.74 10.77
N ILE A 183 25.91 2.42 11.02
CA ILE A 183 24.74 1.60 10.72
C ILE A 183 23.87 1.49 11.97
N THR A 184 22.55 1.62 11.80
CA THR A 184 21.60 1.64 12.89
C THR A 184 20.60 0.50 12.75
N ASP A 185 19.98 0.14 13.88
CA ASP A 185 18.76 -0.65 13.89
C ASP A 185 18.96 -2.06 13.36
N PHE A 186 20.12 -2.64 13.65
CA PHE A 186 20.44 -3.97 13.15
C PHE A 186 19.80 -5.07 14.00
N GLY A 187 19.48 -6.19 13.36
CA GLY A 187 18.91 -7.35 14.01
C GLY A 187 17.57 -7.13 14.69
N LEU A 188 17.04 -5.91 14.60
CA LEU A 188 15.85 -5.54 15.35
C LEU A 188 14.60 -6.27 14.88
N PHE A 189 14.59 -6.82 13.65
CA PHE A 189 13.40 -7.49 13.14
C PHE A 189 13.16 -8.87 13.73
N GLY A 190 14.12 -9.41 14.48
CA GLY A 190 13.97 -10.73 15.06
C GLY A 190 13.07 -10.73 16.29
N ILE A 191 12.43 -9.59 16.54
CA ILE A 191 11.61 -9.39 17.74
C ILE A 191 10.16 -9.65 17.38
N SER A 192 9.40 -10.14 18.37
CA SER A 192 7.98 -10.47 18.20
C SER A 192 7.10 -9.65 19.14
N GLY A 193 7.10 -8.33 18.95
CA GLY A 193 6.30 -7.42 19.74
C GLY A 193 5.03 -7.01 19.03
N VAL A 194 4.25 -6.16 19.72
CA VAL A 194 2.97 -5.67 19.18
C VAL A 194 3.21 -4.77 17.97
N GLN A 203 -5.58 -8.07 5.93
CA GLN A 203 -5.04 -6.81 5.44
C GLN A 203 -3.52 -6.75 5.62
N LEU A 204 -2.91 -5.67 5.14
CA LEU A 204 -1.48 -5.44 5.26
C LEU A 204 -1.17 -4.02 4.82
N LYS A 205 -0.16 -3.42 5.44
CA LYS A 205 0.32 -2.09 5.07
C LYS A 205 1.84 -2.15 4.98
N LEU A 206 2.37 -1.79 3.81
CA LEU A 206 3.79 -1.88 3.51
C LEU A 206 4.25 -0.56 2.92
N SER A 207 5.21 0.08 3.57
CA SER A 207 5.71 1.34 3.05
C SER A 207 6.47 1.10 1.76
N HIS A 208 6.49 2.13 0.89
CA HIS A 208 7.23 1.98 -0.35
C HIS A 208 8.73 1.99 -0.10
N ASP A 209 9.20 2.91 0.76
CA ASP A 209 10.63 3.02 1.01
C ASP A 209 11.23 1.69 1.44
N TRP A 210 10.51 0.93 2.27
CA TRP A 210 11.03 -0.36 2.72
C TRP A 210 11.05 -1.37 1.58
N LEU A 211 10.03 -1.37 0.72
CA LEU A 211 9.95 -2.37 -0.34
C LEU A 211 11.15 -2.30 -1.27
N CYS A 212 11.71 -1.10 -1.47
CA CYS A 212 12.79 -0.97 -2.42
C CYS A 212 14.02 -1.73 -1.98
N TYR A 213 14.25 -1.81 -0.67
CA TYR A 213 15.41 -2.49 -0.11
C TYR A 213 15.20 -3.99 0.03
N LEU A 214 14.01 -4.50 -0.24
CA LEU A 214 13.67 -5.90 0.01
C LEU A 214 14.01 -6.79 -1.17
N ALA A 215 14.70 -7.89 -0.89
CA ALA A 215 15.09 -8.80 -1.95
C ALA A 215 13.91 -9.64 -2.42
N PRO A 216 13.95 -10.13 -3.66
CA PRO A 216 12.81 -10.90 -4.19
C PRO A 216 12.42 -12.09 -3.34
N GLU A 217 13.38 -12.77 -2.70
CA GLU A 217 13.04 -13.89 -1.81
C GLU A 217 12.02 -13.47 -0.77
N ILE A 218 12.11 -12.23 -0.29
CA ILE A 218 11.29 -11.79 0.83
C ILE A 218 9.90 -11.40 0.36
N VAL A 219 9.81 -10.57 -0.69
CA VAL A 219 8.51 -10.04 -1.09
C VAL A 219 7.61 -11.12 -1.65
N ARG A 220 8.17 -12.23 -2.13
CA ARG A 220 7.31 -13.31 -2.60
C ARG A 220 6.62 -14.00 -1.43
N GLU A 221 7.24 -13.99 -0.24
CA GLU A 221 6.68 -14.64 0.92
C GLU A 221 5.69 -13.77 1.68
N MET A 222 5.63 -12.47 1.39
CA MET A 222 4.70 -11.59 2.07
C MET A 222 3.26 -11.96 1.73
N THR A 223 2.43 -12.01 2.77
CA THR A 223 1.01 -12.32 2.65
C THR A 223 0.31 -11.90 3.94
N PRO A 224 -0.95 -11.49 3.88
CA PRO A 224 -1.66 -11.11 5.11
C PRO A 224 -1.69 -12.26 6.11
N GLY A 225 -1.66 -11.90 7.40
CA GLY A 225 -1.60 -12.88 8.45
C GLY A 225 -0.23 -13.44 8.74
N LYS A 226 0.74 -13.19 7.87
CA LYS A 226 2.12 -13.63 8.07
C LYS A 226 2.91 -12.50 8.73
N ASP A 227 3.55 -12.82 9.85
CA ASP A 227 4.31 -11.81 10.57
C ASP A 227 5.68 -11.62 9.91
N GLU A 228 6.25 -10.44 10.10
CA GLU A 228 7.57 -10.14 9.55
C GLU A 228 8.65 -11.05 10.11
N ASP A 229 8.45 -11.62 11.30
CA ASP A 229 9.46 -12.51 11.88
C ASP A 229 9.65 -13.79 11.08
N GLN A 230 8.67 -14.16 10.26
CA GLN A 230 8.74 -15.41 9.49
C GLN A 230 9.32 -15.22 8.10
N LEU A 231 9.73 -13.99 7.75
CA LEU A 231 10.25 -13.71 6.42
C LEU A 231 11.71 -14.12 6.30
N PRO A 232 12.17 -14.48 5.08
CA PRO A 232 13.50 -15.07 4.91
C PRO A 232 14.61 -14.03 4.78
N PHE A 233 14.80 -13.24 5.83
CA PHE A 233 15.99 -12.40 5.89
C PHE A 233 17.24 -13.27 5.94
N SER A 234 18.36 -12.71 5.50
CA SER A 234 19.58 -13.49 5.38
C SER A 234 20.72 -12.53 5.08
N LYS A 235 21.94 -13.08 5.09
CA LYS A 235 23.09 -12.30 4.64
C LYS A 235 22.92 -11.88 3.19
N ALA A 236 22.37 -12.76 2.36
CA ALA A 236 22.14 -12.42 0.97
C ALA A 236 21.08 -11.34 0.83
N ALA A 237 20.00 -11.45 1.61
CA ALA A 237 18.98 -10.40 1.57
C ALA A 237 19.55 -9.07 2.06
N ASP A 238 20.62 -9.11 2.84
CA ASP A 238 21.23 -7.88 3.34
C ASP A 238 22.06 -7.20 2.26
N VAL A 239 22.75 -7.97 1.43
CA VAL A 239 23.55 -7.35 0.37
C VAL A 239 22.65 -6.80 -0.73
N TYR A 240 21.48 -7.40 -0.93
CA TYR A 240 20.52 -6.80 -1.86
C TYR A 240 20.09 -5.43 -1.36
N ALA A 241 19.75 -5.32 -0.07
CA ALA A 241 19.42 -4.02 0.49
C ALA A 241 20.60 -3.06 0.37
N PHE A 242 21.83 -3.59 0.38
CA PHE A 242 22.96 -2.74 0.06
C PHE A 242 22.95 -2.32 -1.41
N GLY A 243 22.38 -3.15 -2.28
CA GLY A 243 22.22 -2.74 -3.66
C GLY A 243 21.36 -1.49 -3.79
N THR A 244 20.23 -1.47 -3.07
CA THR A 244 19.33 -0.33 -3.13
C THR A 244 19.97 0.90 -2.50
N VAL A 245 20.73 0.73 -1.42
CA VAL A 245 21.34 1.90 -0.81
C VAL A 245 22.45 2.43 -1.70
N TRP A 246 23.13 1.56 -2.46
CA TRP A 246 24.11 2.06 -3.42
C TRP A 246 23.42 2.81 -4.56
N TYR A 247 22.29 2.27 -5.04
CA TYR A 247 21.50 3.01 -6.03
C TYR A 247 21.15 4.38 -5.51
N GLU A 248 20.70 4.46 -4.25
CA GLU A 248 20.38 5.76 -3.68
C GLU A 248 21.60 6.68 -3.69
N LEU A 249 22.79 6.11 -3.50
CA LEU A 249 24.01 6.92 -3.56
C LEU A 249 24.25 7.46 -4.96
N GLN A 250 23.79 6.74 -5.99
CA GLN A 250 23.99 7.16 -7.37
C GLN A 250 22.86 8.07 -7.83
N ALA A 251 21.62 7.70 -7.51
CA ALA A 251 20.44 8.37 -8.04
C ALA A 251 19.76 9.32 -7.07
N ARG A 252 20.10 9.28 -5.79
CA ARG A 252 19.48 10.14 -4.77
C ARG A 252 17.97 10.00 -4.77
N ASP A 253 17.50 8.79 -5.06
CA ASP A 253 16.07 8.52 -4.99
C ASP A 253 15.87 7.01 -4.99
N TRP A 254 14.62 6.59 -4.83
CA TRP A 254 14.25 5.19 -4.87
C TRP A 254 14.54 4.60 -6.24
N PRO A 255 14.77 3.30 -6.33
CA PRO A 255 14.87 2.67 -7.65
C PRO A 255 13.53 2.50 -8.33
N LEU A 256 12.44 2.48 -7.58
CA LEU A 256 11.09 2.43 -8.12
C LEU A 256 10.32 3.65 -7.62
N LYS A 257 9.70 4.38 -8.54
CA LYS A 257 8.92 5.53 -8.14
C LYS A 257 7.71 5.09 -7.33
N ASN A 258 7.21 5.99 -6.49
CA ASN A 258 6.18 5.64 -5.52
C ASN A 258 4.98 5.04 -6.23
N GLN A 259 4.98 3.72 -6.38
CA GLN A 259 3.88 2.97 -6.96
C GLN A 259 2.98 2.45 -5.85
N ALA A 260 1.97 1.68 -6.25
CA ALA A 260 1.21 0.91 -5.28
C ALA A 260 2.08 -0.22 -4.73
N ALA A 261 1.76 -0.66 -3.51
CA ALA A 261 2.50 -1.77 -2.93
C ALA A 261 2.42 -3.00 -3.82
N GLU A 262 1.20 -3.36 -4.25
CA GLU A 262 1.01 -4.49 -5.16
C GLU A 262 1.89 -4.37 -6.40
N ALA A 263 1.95 -3.18 -7.01
CA ALA A 263 2.82 -2.97 -8.16
C ALA A 263 4.27 -3.28 -7.81
N SER A 264 4.77 -2.71 -6.70
CA SER A 264 6.14 -2.95 -6.31
C SER A 264 6.38 -4.41 -5.96
N ILE A 265 5.41 -5.05 -5.31
CA ILE A 265 5.59 -6.44 -4.90
C ILE A 265 5.87 -7.33 -6.11
N TRP A 266 5.09 -7.14 -7.18
CA TRP A 266 5.32 -7.96 -8.37
C TRP A 266 6.66 -7.62 -9.01
N GLN A 267 6.94 -6.33 -9.19
CA GLN A 267 8.18 -5.93 -9.84
C GLN A 267 9.40 -6.42 -9.08
N ILE A 268 9.37 -6.31 -7.74
CA ILE A 268 10.48 -6.78 -6.93
C ILE A 268 10.59 -8.31 -7.03
N GLY A 269 9.48 -9.00 -6.79
CA GLY A 269 9.51 -10.45 -6.72
C GLY A 269 9.73 -11.15 -8.05
N SER A 270 9.36 -10.50 -9.15
CA SER A 270 9.60 -11.08 -10.46
C SER A 270 11.04 -10.89 -10.94
N GLY A 271 11.84 -10.10 -10.21
CA GLY A 271 13.08 -9.54 -10.68
C GLY A 271 13.01 -8.69 -11.93
N GLU A 272 11.84 -8.47 -12.54
CA GLU A 272 11.76 -7.65 -13.75
C GLU A 272 11.92 -6.19 -13.43
N GLY A 273 11.42 -5.80 -12.26
CA GLY A 273 11.56 -4.43 -11.79
C GLY A 273 13.01 -3.96 -11.73
N MET A 274 13.89 -4.75 -11.11
CA MET A 274 15.31 -4.39 -11.05
C MET A 274 15.99 -4.54 -12.40
N LYS A 275 15.51 -5.44 -13.25
CA LYS A 275 16.00 -5.53 -14.62
C LYS A 275 15.78 -4.22 -15.36
N ARG A 276 14.57 -3.66 -15.24
CA ARG A 276 14.22 -2.46 -15.98
C ARG A 276 15.02 -1.26 -15.49
N VAL A 277 15.05 -1.04 -14.17
CA VAL A 277 15.76 0.13 -13.65
C VAL A 277 17.26 0.00 -13.90
N LEU A 278 17.77 -1.23 -14.03
CA LEU A 278 19.17 -1.41 -14.36
C LEU A 278 19.48 -0.89 -15.76
N THR A 279 18.58 -1.13 -16.70
CA THR A 279 18.76 -0.66 -18.07
C THR A 279 18.28 0.77 -18.28
N SER A 280 17.20 1.16 -17.61
CA SER A 280 16.52 2.42 -17.90
C SER A 280 17.46 3.61 -17.81
N VAL A 281 18.16 3.76 -16.70
CA VAL A 281 19.17 4.81 -16.57
C VAL A 281 20.46 4.17 -16.08
N SER A 282 21.54 4.40 -16.82
CA SER A 282 22.85 3.90 -16.45
C SER A 282 23.68 5.04 -15.88
N LEU A 283 24.67 4.68 -15.04
CA LEU A 283 25.64 5.64 -14.52
C LEU A 283 27.05 5.29 -14.94
N GLY A 284 27.51 4.07 -14.66
CA GLY A 284 28.83 3.65 -15.08
C GLY A 284 28.91 2.15 -15.11
N LYS A 285 29.70 1.62 -16.06
CA LYS A 285 29.83 0.18 -16.17
C LYS A 285 30.35 -0.42 -14.86
N GLU A 286 31.42 0.16 -14.32
CA GLU A 286 31.96 -0.34 -13.06
C GLU A 286 30.97 -0.12 -11.91
N VAL A 287 30.31 1.04 -11.89
CA VAL A 287 29.32 1.30 -10.85
C VAL A 287 28.13 0.36 -10.99
N SER A 288 27.64 0.18 -12.22
CA SER A 288 26.48 -0.67 -12.42
C SER A 288 26.78 -2.15 -12.20
N GLU A 289 28.05 -2.55 -12.31
CA GLU A 289 28.38 -3.96 -12.10
C GLU A 289 28.05 -4.39 -10.68
N ILE A 290 28.37 -3.56 -9.69
CA ILE A 290 28.10 -3.96 -8.31
C ILE A 290 26.61 -3.90 -8.04
N LEU A 291 25.90 -2.97 -8.70
CA LEU A 291 24.45 -2.91 -8.53
C LEU A 291 23.78 -4.14 -9.11
N SER A 292 24.20 -4.58 -10.31
CA SER A 292 23.65 -5.79 -10.90
C SER A 292 24.01 -7.03 -10.08
N ALA A 293 25.18 -7.03 -9.44
CA ALA A 293 25.58 -8.17 -8.64
C ALA A 293 24.76 -8.28 -7.36
N CYS A 294 24.54 -7.15 -6.68
CA CYS A 294 23.81 -7.16 -5.41
C CYS A 294 22.34 -7.50 -5.60
N TRP A 295 21.75 -7.00 -6.69
CA TRP A 295 20.35 -7.23 -6.97
C TRP A 295 20.11 -8.56 -7.69
N ALA A 296 21.11 -9.44 -7.74
CA ALA A 296 20.96 -10.75 -8.35
C ALA A 296 19.68 -11.44 -7.89
N PHE A 297 18.91 -11.96 -8.85
CA PHE A 297 17.61 -12.53 -8.52
C PHE A 297 17.78 -13.77 -7.66
N ASP A 298 18.67 -14.67 -8.04
CA ASP A 298 19.01 -15.82 -7.20
C ASP A 298 19.91 -15.32 -6.09
N LEU A 299 19.48 -15.49 -4.83
CA LEU A 299 20.25 -14.98 -3.70
C LEU A 299 21.66 -15.57 -3.64
N GLN A 300 21.82 -16.84 -4.01
CA GLN A 300 23.12 -17.47 -3.93
C GLN A 300 24.13 -16.87 -4.89
N GLU A 301 23.69 -16.15 -5.91
CA GLU A 301 24.59 -15.51 -6.85
C GLU A 301 24.96 -14.09 -6.43
N ARG A 302 24.60 -13.69 -5.20
CA ARG A 302 24.96 -12.39 -4.66
C ARG A 302 26.30 -12.46 -3.93
N PRO A 303 27.13 -11.43 -4.08
CA PRO A 303 28.45 -11.46 -3.44
C PRO A 303 28.33 -11.31 -1.94
N SER A 304 29.40 -11.71 -1.25
CA SER A 304 29.53 -11.42 0.16
C SER A 304 30.03 -9.99 0.36
N PHE A 305 29.93 -9.51 1.59
CA PHE A 305 30.36 -8.14 1.86
C PHE A 305 31.87 -8.02 1.78
N SER A 306 32.60 -9.04 2.24
CA SER A 306 34.06 -9.00 2.13
C SER A 306 34.48 -8.91 0.67
N LEU A 307 33.76 -9.60 -0.22
CA LEU A 307 34.05 -9.48 -1.64
C LEU A 307 33.71 -8.08 -2.14
N LEU A 308 32.60 -7.51 -1.66
CA LEU A 308 32.17 -6.19 -2.14
C LEU A 308 33.14 -5.08 -1.76
N MET A 309 33.96 -5.29 -0.71
CA MET A 309 34.98 -4.32 -0.39
C MET A 309 36.00 -4.22 -1.52
N ASP A 310 36.40 -5.36 -2.09
CA ASP A 310 37.36 -5.34 -3.19
C ASP A 310 36.76 -4.69 -4.43
N MET A 311 35.50 -5.01 -4.75
CA MET A 311 34.88 -4.45 -5.95
C MET A 311 34.81 -2.93 -5.87
N LEU A 312 34.45 -2.41 -4.69
CA LEU A 312 34.41 -0.96 -4.51
C LEU A 312 35.78 -0.33 -4.61
N GLU A 313 36.85 -1.10 -4.41
CA GLU A 313 38.20 -0.55 -4.47
C GLU A 313 38.63 -0.29 -5.91
N LYS A 314 38.40 -1.27 -6.80
CA LYS A 314 38.75 -1.13 -8.21
C LYS A 314 37.71 -0.24 -8.91
N LEU A 315 37.72 1.03 -8.53
CA LEU A 315 36.80 2.02 -9.04
C LEU A 315 37.55 3.32 -9.28
N PRO A 316 36.97 4.24 -10.06
CA PRO A 316 37.51 5.60 -10.28
C PRO A 316 38.00 6.31 -9.03
N LEU B 31 -24.84 15.07 -22.64
CA LEU B 31 -24.21 14.08 -21.77
C LEU B 31 -25.28 13.05 -21.41
N GLU B 32 -26.40 13.08 -22.15
CA GLU B 32 -27.51 12.14 -21.96
C GLU B 32 -28.03 12.25 -20.52
N LEU B 33 -28.27 13.48 -20.08
CA LEU B 33 -28.71 13.74 -18.71
C LEU B 33 -30.23 13.69 -18.66
N ASP B 34 -30.76 12.65 -18.01
CA ASP B 34 -32.21 12.46 -17.91
C ASP B 34 -32.82 13.53 -17.00
N GLU B 35 -34.14 13.71 -17.14
CA GLU B 35 -34.83 14.73 -16.36
C GLU B 35 -34.98 14.30 -14.90
N GLN B 36 -35.43 13.05 -14.67
CA GLN B 36 -35.57 12.57 -13.30
C GLN B 36 -34.23 12.54 -12.58
N GLN B 37 -33.14 12.25 -13.33
CA GLN B 37 -31.81 12.32 -12.74
C GLN B 37 -31.41 13.76 -12.42
N ARG B 38 -31.69 14.69 -13.34
CA ARG B 38 -31.37 16.09 -13.12
C ARG B 38 -32.26 16.72 -12.05
N LYS B 39 -33.45 16.19 -11.81
CA LYS B 39 -34.31 16.68 -10.74
C LYS B 39 -33.90 16.11 -9.38
N ARG B 40 -33.30 14.93 -9.34
CA ARG B 40 -32.74 14.41 -8.10
C ARG B 40 -31.32 14.89 -7.85
N LEU B 41 -30.66 15.44 -8.88
CA LEU B 41 -29.38 16.10 -8.70
C LEU B 41 -29.54 17.48 -8.11
N GLU B 42 -30.55 18.24 -8.58
CA GLU B 42 -30.81 19.55 -8.01
C GLU B 42 -31.29 19.45 -6.57
N ALA B 43 -32.16 18.48 -6.29
CA ALA B 43 -32.75 18.36 -4.95
C ALA B 43 -31.69 18.12 -3.88
N PHE B 44 -30.61 17.43 -4.23
CA PHE B 44 -29.54 17.17 -3.28
C PHE B 44 -28.48 18.27 -3.26
N LEU B 45 -28.37 19.07 -4.32
CA LEU B 45 -27.48 20.22 -4.31
C LEU B 45 -28.04 21.36 -3.49
N THR B 46 -29.37 21.54 -3.50
CA THR B 46 -29.99 22.54 -2.64
C THR B 46 -30.12 22.03 -1.20
N GLN B 47 -30.24 20.71 -1.01
CA GLN B 47 -30.14 20.13 0.32
C GLN B 47 -28.69 20.10 0.80
N LYS B 48 -27.73 20.24 -0.13
CA LYS B 48 -26.32 20.31 0.22
C LYS B 48 -25.96 21.61 0.93
N GLN B 49 -26.69 22.70 0.65
CA GLN B 49 -26.45 23.96 1.33
C GLN B 49 -27.26 24.09 2.61
N LYS B 50 -28.30 23.27 2.79
CA LYS B 50 -29.06 23.28 4.03
C LYS B 50 -28.21 22.80 5.20
N VAL B 51 -27.33 21.82 4.92
CA VAL B 51 -26.41 21.34 5.94
C VAL B 51 -25.25 22.31 6.13
N GLY B 52 -24.77 22.91 5.05
CA GLY B 52 -23.69 23.87 5.21
C GLY B 52 -22.40 23.14 5.52
N GLU B 53 -21.60 23.73 6.40
CA GLU B 53 -20.38 23.11 6.90
C GLU B 53 -20.69 22.28 8.15
N LEU B 54 -19.69 21.52 8.59
CA LEU B 54 -19.83 20.62 9.72
C LEU B 54 -18.48 20.42 10.38
N LYS B 55 -18.51 19.83 11.58
CA LYS B 55 -17.28 19.46 12.28
C LYS B 55 -17.40 18.04 12.80
N ASP B 56 -16.86 17.77 13.99
CA ASP B 56 -16.85 16.42 14.52
C ASP B 56 -17.98 16.14 15.51
N ASP B 57 -18.40 17.15 16.27
CA ASP B 57 -19.46 16.96 17.27
C ASP B 57 -20.85 16.97 16.68
N ASP B 58 -21.01 17.34 15.42
CA ASP B 58 -22.33 17.37 14.78
C ASP B 58 -22.84 15.97 14.44
N PHE B 59 -21.97 14.97 14.45
CA PHE B 59 -22.35 13.61 14.10
C PHE B 59 -22.57 12.76 15.35
N GLU B 60 -23.22 11.62 15.15
CA GLU B 60 -23.43 10.64 16.21
C GLU B 60 -23.54 9.26 15.59
N LYS B 61 -22.88 8.28 16.21
CA LYS B 61 -22.74 6.95 15.64
C LYS B 61 -24.06 6.18 15.68
N ILE B 62 -24.16 5.16 14.81
CA ILE B 62 -25.29 4.24 14.81
C ILE B 62 -24.78 2.80 14.83
N SER B 63 -24.05 2.40 13.80
CA SER B 63 -23.66 0.99 13.67
C SER B 63 -22.43 0.89 12.77
N GLU B 64 -21.93 -0.34 12.64
CA GLU B 64 -20.71 -0.66 11.90
C GLU B 64 -21.05 -0.95 10.44
N LEU B 65 -20.54 -0.12 9.53
CA LEU B 65 -20.69 -0.40 8.11
C LEU B 65 -19.57 -1.30 7.58
N GLY B 66 -18.33 -1.07 8.00
CA GLY B 66 -17.23 -1.90 7.58
C GLY B 66 -15.91 -1.16 7.68
N ALA B 67 -14.87 -1.80 7.18
CA ALA B 67 -13.53 -1.25 7.21
C ALA B 67 -12.70 -1.90 6.11
N GLY B 68 -11.60 -1.24 5.76
CA GLY B 68 -10.70 -1.74 4.73
C GLY B 68 -9.24 -1.45 5.01
N VAL B 72 -12.28 3.14 8.19
CA VAL B 72 -13.58 2.62 8.62
C VAL B 72 -14.68 3.62 8.28
N VAL B 73 -15.89 3.11 8.03
CA VAL B 73 -17.04 3.93 7.71
C VAL B 73 -18.19 3.53 8.64
N PHE B 74 -18.97 4.52 9.06
CA PHE B 74 -20.01 4.32 10.05
C PHE B 74 -21.32 4.95 9.58
N LYS B 75 -22.44 4.31 9.91
CA LYS B 75 -23.73 4.95 9.75
C LYS B 75 -23.88 6.03 10.81
N VAL B 76 -24.30 7.22 10.39
CA VAL B 76 -24.15 8.41 11.20
C VAL B 76 -25.43 9.24 11.15
N SER B 77 -25.79 9.84 12.29
CA SER B 77 -26.89 10.79 12.39
C SER B 77 -26.31 12.19 12.53
N HIS B 78 -26.65 13.07 11.59
CA HIS B 78 -26.27 14.47 11.67
C HIS B 78 -27.37 15.22 12.41
N LYS B 79 -26.98 16.10 13.34
CA LYS B 79 -27.97 16.67 14.24
C LYS B 79 -28.51 18.03 13.77
N PRO B 80 -27.67 18.97 13.28
CA PRO B 80 -28.24 20.16 12.62
C PRO B 80 -29.26 19.87 11.54
N SER B 81 -28.92 19.02 10.57
CA SER B 81 -29.87 18.58 9.54
C SER B 81 -30.10 17.09 9.74
N GLY B 82 -31.34 16.73 10.07
CA GLY B 82 -31.70 15.37 10.47
C GLY B 82 -31.43 14.27 9.45
N LEU B 83 -30.79 14.61 8.35
CA LEU B 83 -30.41 13.62 7.34
C LEU B 83 -29.42 12.61 7.91
N VAL B 84 -29.61 11.35 7.56
CA VAL B 84 -28.68 10.28 7.94
C VAL B 84 -27.62 10.15 6.86
N MET B 85 -26.36 10.21 7.25
CA MET B 85 -25.23 10.22 6.34
C MET B 85 -24.28 9.07 6.65
N ALA B 86 -23.31 8.88 5.77
CA ALA B 86 -22.27 7.87 5.93
C ALA B 86 -20.93 8.57 6.07
N ARG B 87 -20.28 8.34 7.21
CA ARG B 87 -19.00 8.97 7.53
C ARG B 87 -17.92 7.90 7.54
N LYS B 88 -16.93 8.02 6.65
CA LYS B 88 -15.80 7.11 6.63
C LYS B 88 -14.59 7.81 7.22
N LEU B 89 -13.94 7.14 8.17
CA LEU B 89 -12.81 7.68 8.90
C LEU B 89 -11.55 6.92 8.55
N ILE B 90 -10.46 7.67 8.33
CA ILE B 90 -9.15 7.10 8.07
C ILE B 90 -8.13 7.79 8.97
N HIS B 91 -7.27 7.01 9.61
CA HIS B 91 -6.38 7.49 10.66
C HIS B 91 -5.03 7.83 10.03
N LEU B 92 -4.66 9.11 10.04
CA LEU B 92 -3.42 9.58 9.40
C LEU B 92 -2.71 10.56 10.33
N GLU B 93 -1.66 10.10 11.00
CA GLU B 93 -0.76 10.98 11.73
C GLU B 93 0.46 11.22 10.86
N ILE B 94 0.45 12.36 10.16
CA ILE B 94 1.58 12.82 9.35
C ILE B 94 1.73 14.33 9.51
N LYS B 95 2.77 14.88 8.89
CA LYS B 95 3.05 16.30 9.02
C LYS B 95 1.85 17.11 8.54
N PRO B 96 1.43 18.14 9.30
CA PRO B 96 0.19 18.86 8.95
C PRO B 96 0.26 19.62 7.63
N ALA B 97 1.45 19.85 7.09
CA ALA B 97 1.55 20.61 5.84
C ALA B 97 0.91 19.85 4.69
N ILE B 98 1.11 18.53 4.63
CA ILE B 98 0.50 17.73 3.58
C ILE B 98 -0.95 17.38 3.90
N ARG B 99 -1.35 17.40 5.17
CA ARG B 99 -2.76 17.20 5.50
C ARG B 99 -3.60 18.34 4.95
N ASN B 100 -3.06 19.55 4.91
CA ASN B 100 -3.78 20.68 4.33
C ASN B 100 -3.81 20.59 2.81
N GLN B 101 -2.73 20.09 2.20
CA GLN B 101 -2.74 19.87 0.76
C GLN B 101 -3.69 18.75 0.37
N ILE B 102 -3.92 17.79 1.26
CA ILE B 102 -4.85 16.70 0.98
C ILE B 102 -6.28 17.20 1.02
N ILE B 103 -6.61 18.04 2.00
CA ILE B 103 -8.00 18.50 2.14
C ILE B 103 -8.39 19.43 1.00
N ARG B 104 -7.46 20.27 0.53
CA ARG B 104 -7.79 21.21 -0.54
C ARG B 104 -7.90 20.51 -1.89
N GLU B 105 -7.13 19.45 -2.12
CA GLU B 105 -7.32 18.64 -3.32
C GLU B 105 -8.64 17.88 -3.26
N LEU B 106 -9.09 17.52 -2.06
CA LEU B 106 -10.29 16.70 -1.91
C LEU B 106 -11.57 17.53 -1.99
N GLN B 107 -11.50 18.84 -1.73
CA GLN B 107 -12.67 19.69 -1.84
C GLN B 107 -13.18 19.83 -3.27
N VAL B 108 -12.41 19.37 -4.26
CA VAL B 108 -12.87 19.38 -5.65
C VAL B 108 -14.08 18.47 -5.84
N LEU B 109 -14.26 17.48 -4.95
CA LEU B 109 -15.43 16.62 -4.98
C LEU B 109 -16.74 17.39 -4.93
N HIS B 110 -16.71 18.66 -4.48
CA HIS B 110 -17.91 19.49 -4.56
C HIS B 110 -18.30 19.75 -6.01
N GLU B 111 -17.32 19.78 -6.93
CA GLU B 111 -17.62 19.97 -8.34
C GLU B 111 -18.06 18.69 -9.02
N CYS B 112 -17.65 17.53 -8.50
CA CYS B 112 -17.98 16.24 -9.09
C CYS B 112 -19.39 15.84 -8.66
N ASN B 113 -20.33 15.86 -9.60
CA ASN B 113 -21.72 15.54 -9.29
C ASN B 113 -22.37 14.94 -10.52
N SER B 114 -22.78 13.67 -10.43
CA SER B 114 -23.42 12.97 -11.53
C SER B 114 -24.24 11.84 -10.93
N PRO B 115 -25.31 11.40 -11.61
CA PRO B 115 -26.18 10.36 -11.03
C PRO B 115 -25.48 9.02 -10.79
N TYR B 116 -24.22 8.86 -11.20
CA TYR B 116 -23.51 7.60 -11.01
C TYR B 116 -22.30 7.74 -10.08
N ILE B 117 -22.26 8.79 -9.27
CA ILE B 117 -21.21 8.98 -8.28
C ILE B 117 -21.88 9.34 -6.95
N VAL B 118 -21.48 8.65 -5.88
CA VAL B 118 -22.16 8.82 -4.59
C VAL B 118 -22.06 10.26 -4.13
N GLY B 119 -23.12 10.73 -3.48
CA GLY B 119 -23.22 12.12 -3.07
C GLY B 119 -22.16 12.55 -2.09
N PHE B 120 -21.48 13.64 -2.39
CA PHE B 120 -20.41 14.16 -1.56
C PHE B 120 -20.92 15.33 -0.72
N TYR B 121 -20.66 15.28 0.59
CA TYR B 121 -21.04 16.35 1.50
C TYR B 121 -19.88 17.28 1.81
N GLY B 122 -18.82 16.77 2.43
CA GLY B 122 -17.69 17.61 2.77
C GLY B 122 -16.50 16.79 3.22
N ALA B 123 -15.39 17.49 3.40
CA ALA B 123 -14.13 16.89 3.84
C ALA B 123 -13.42 17.85 4.79
N PHE B 124 -12.94 17.32 5.91
CA PHE B 124 -12.27 18.13 6.91
C PHE B 124 -11.36 17.24 7.73
N TYR B 125 -10.32 17.84 8.30
CA TYR B 125 -9.47 17.14 9.24
C TYR B 125 -9.97 17.39 10.66
N SER B 126 -9.93 16.33 11.48
CA SER B 126 -10.47 16.40 12.83
C SER B 126 -9.85 15.27 13.64
N ASP B 127 -9.14 15.62 14.72
CA ASP B 127 -8.55 14.65 15.63
C ASP B 127 -7.50 13.80 14.90
N GLY B 128 -6.92 14.37 13.83
CA GLY B 128 -5.98 13.61 13.03
C GLY B 128 -6.60 12.45 12.30
N GLU B 129 -7.90 12.53 12.02
CA GLU B 129 -8.65 11.46 11.34
C GLU B 129 -9.46 12.10 10.23
N ILE B 130 -9.02 11.92 8.99
CA ILE B 130 -9.74 12.48 7.85
C ILE B 130 -11.07 11.75 7.71
N SER B 131 -12.16 12.53 7.67
CA SER B 131 -13.51 11.99 7.63
C SER B 131 -14.18 12.47 6.36
N ILE B 132 -14.80 11.53 5.64
CA ILE B 132 -15.56 11.83 4.43
C ILE B 132 -17.02 11.55 4.72
N CYS B 133 -17.86 12.57 4.56
CA CYS B 133 -19.30 12.45 4.73
C CYS B 133 -19.92 12.22 3.35
N MET B 134 -20.60 11.10 3.18
CA MET B 134 -21.19 10.70 1.93
C MET B 134 -22.66 10.41 1.98
N GLU B 135 -23.27 10.17 0.82
CA GLU B 135 -24.64 9.68 0.76
C GLU B 135 -24.59 8.34 1.49
N HIS B 136 -25.67 8.02 2.20
CA HIS B 136 -25.86 6.65 2.67
C HIS B 136 -26.57 5.88 1.57
N MET B 137 -26.04 4.71 1.23
CA MET B 137 -26.59 3.85 0.20
C MET B 137 -27.31 2.69 0.88
N ASP B 138 -28.59 2.51 0.55
CA ASP B 138 -29.45 1.59 1.31
C ASP B 138 -28.94 0.16 1.24
N GLY B 139 -28.44 -0.27 0.08
CA GLY B 139 -27.98 -1.62 -0.14
C GLY B 139 -26.51 -1.86 0.13
N GLY B 140 -25.76 -0.84 0.52
CA GLY B 140 -24.35 -1.02 0.81
C GLY B 140 -23.53 -1.22 -0.44
N SER B 141 -22.48 -2.02 -0.32
CA SER B 141 -21.60 -2.32 -1.44
C SER B 141 -22.04 -3.61 -2.11
N LEU B 142 -21.69 -3.73 -3.40
CA LEU B 142 -21.97 -4.96 -4.13
C LEU B 142 -21.20 -6.14 -3.57
N ASP B 143 -20.13 -5.89 -2.82
CA ASP B 143 -19.45 -6.97 -2.09
C ASP B 143 -20.37 -7.54 -1.02
N GLN B 144 -21.00 -6.68 -0.23
CA GLN B 144 -22.03 -7.16 0.71
C GLN B 144 -23.18 -7.80 -0.04
N VAL B 145 -23.65 -7.15 -1.11
CA VAL B 145 -24.77 -7.69 -1.87
C VAL B 145 -24.45 -9.08 -2.40
N LEU B 146 -23.21 -9.27 -2.87
CA LEU B 146 -22.83 -10.56 -3.44
C LEU B 146 -22.83 -11.66 -2.38
N LYS B 147 -22.29 -11.38 -1.20
CA LYS B 147 -22.22 -12.41 -0.16
C LYS B 147 -23.62 -12.85 0.26
N LYS B 148 -24.56 -11.91 0.36
CA LYS B 148 -25.93 -12.26 0.71
C LYS B 148 -26.69 -12.86 -0.48
N ALA B 149 -26.41 -12.37 -1.69
CA ALA B 149 -27.09 -12.88 -2.87
C ALA B 149 -26.44 -14.15 -3.44
N GLY B 150 -25.19 -14.42 -3.09
CA GLY B 150 -24.50 -15.61 -3.60
C GLY B 150 -23.99 -15.42 -5.01
N ARG B 151 -24.90 -15.12 -5.95
CA ARG B 151 -24.55 -14.85 -7.33
C ARG B 151 -25.40 -13.67 -7.81
N ILE B 152 -24.95 -13.02 -8.87
CA ILE B 152 -25.61 -11.86 -9.44
C ILE B 152 -25.99 -12.19 -10.87
N PRO B 153 -27.25 -12.02 -11.28
CA PRO B 153 -27.66 -12.43 -12.63
C PRO B 153 -27.12 -11.49 -13.69
N GLU B 154 -27.05 -12.03 -14.92
CA GLU B 154 -26.52 -11.27 -16.04
C GLU B 154 -27.41 -10.08 -16.39
N GLN B 155 -28.73 -10.28 -16.37
CA GLN B 155 -29.69 -9.21 -16.67
C GLN B 155 -29.35 -7.93 -15.91
N ILE B 156 -28.96 -8.06 -14.65
CA ILE B 156 -28.79 -6.91 -13.78
C ILE B 156 -27.34 -6.43 -13.75
N LEU B 157 -26.38 -7.32 -14.02
CA LEU B 157 -25.00 -6.88 -14.20
C LEU B 157 -24.86 -5.99 -15.43
N GLY B 158 -25.76 -6.10 -16.39
CA GLY B 158 -25.77 -5.16 -17.50
C GLY B 158 -26.05 -3.74 -17.07
N LYS B 159 -26.90 -3.56 -16.04
CA LYS B 159 -27.25 -2.22 -15.60
C LYS B 159 -26.09 -1.56 -14.86
N VAL B 160 -25.41 -2.31 -13.98
CA VAL B 160 -24.28 -1.74 -13.25
C VAL B 160 -23.13 -1.42 -14.19
N SER B 161 -22.94 -2.26 -15.22
CA SER B 161 -21.88 -2.00 -16.20
C SER B 161 -22.14 -0.70 -16.94
N ILE B 162 -23.40 -0.44 -17.30
CA ILE B 162 -23.75 0.82 -17.94
C ILE B 162 -23.42 1.99 -17.01
N ALA B 163 -23.74 1.85 -15.73
CA ALA B 163 -23.52 2.93 -14.78
C ALA B 163 -22.03 3.24 -14.64
N VAL B 164 -21.19 2.20 -14.65
CA VAL B 164 -19.77 2.40 -14.40
C VAL B 164 -19.11 3.12 -15.57
N ILE B 165 -19.39 2.68 -16.80
CA ILE B 165 -18.80 3.32 -17.97
C ILE B 165 -19.28 4.76 -18.08
N LYS B 166 -20.56 5.01 -17.78
CA LYS B 166 -21.05 6.37 -17.76
C LYS B 166 -20.37 7.17 -16.65
N GLY B 167 -20.21 6.57 -15.47
CA GLY B 167 -19.51 7.24 -14.39
C GLY B 167 -18.05 7.47 -14.68
N LEU B 168 -17.40 6.56 -15.41
CA LEU B 168 -15.98 6.71 -15.72
C LEU B 168 -15.76 7.68 -16.88
N THR B 169 -16.66 7.69 -17.86
CA THR B 169 -16.60 8.72 -18.89
C THR B 169 -16.82 10.11 -18.30
N TYR B 170 -17.79 10.23 -17.39
CA TYR B 170 -18.03 11.50 -16.72
C TYR B 170 -16.79 12.00 -15.99
N LEU B 171 -16.09 11.09 -15.30
CA LEU B 171 -14.92 11.48 -14.53
C LEU B 171 -13.74 11.84 -15.43
N ARG B 172 -13.54 11.06 -16.50
CA ARG B 172 -12.41 11.33 -17.39
C ARG B 172 -12.66 12.57 -18.25
N GLU B 173 -13.91 12.86 -18.57
CA GLU B 173 -14.21 13.99 -19.44
C GLU B 173 -14.33 15.30 -18.68
N LYS B 174 -15.01 15.30 -17.54
CA LYS B 174 -15.32 16.56 -16.87
C LYS B 174 -14.14 17.07 -16.06
N HIS B 175 -13.44 16.19 -15.33
CA HIS B 175 -12.31 16.59 -14.49
C HIS B 175 -10.97 15.99 -14.90
N LYS B 176 -10.94 15.09 -15.88
CA LYS B 176 -9.68 14.52 -16.40
C LYS B 176 -8.91 13.75 -15.33
N ILE B 177 -9.61 12.86 -14.63
CA ILE B 177 -8.98 11.98 -13.65
C ILE B 177 -9.37 10.54 -13.99
N MET B 178 -8.73 9.60 -13.29
CA MET B 178 -9.07 8.20 -13.40
C MET B 178 -9.32 7.65 -12.01
N HIS B 179 -9.97 6.48 -11.96
CA HIS B 179 -10.52 5.97 -10.71
C HIS B 179 -9.43 5.33 -9.83
N ARG B 180 -8.71 4.35 -10.37
CA ARG B 180 -7.56 3.66 -9.77
C ARG B 180 -7.91 2.64 -8.69
N ASP B 181 -9.18 2.47 -8.33
CA ASP B 181 -9.53 1.52 -7.27
C ASP B 181 -10.96 1.02 -7.46
N VAL B 182 -11.23 0.37 -8.60
CA VAL B 182 -12.55 -0.15 -8.92
C VAL B 182 -12.66 -1.57 -8.41
N LYS B 183 -13.66 -1.83 -7.58
CA LYS B 183 -13.94 -3.18 -7.08
C LYS B 183 -15.34 -3.20 -6.49
N PRO B 184 -15.95 -4.39 -6.35
CA PRO B 184 -17.35 -4.45 -5.90
C PRO B 184 -17.62 -3.73 -4.59
N SER B 185 -16.71 -3.83 -3.62
CA SER B 185 -16.87 -3.12 -2.36
C SER B 185 -16.89 -1.60 -2.51
N ASN B 186 -16.63 -1.08 -3.71
CA ASN B 186 -16.71 0.35 -3.97
C ASN B 186 -17.79 0.68 -5.01
N ILE B 187 -18.74 -0.24 -5.22
CA ILE B 187 -19.93 0.02 -6.03
C ILE B 187 -21.13 -0.01 -5.10
N LEU B 188 -21.85 1.09 -5.03
CA LEU B 188 -22.91 1.27 -4.04
C LEU B 188 -24.26 1.39 -4.71
N VAL B 189 -25.27 0.79 -4.07
CA VAL B 189 -26.64 0.71 -4.60
C VAL B 189 -27.60 1.22 -3.53
N ASN B 190 -28.81 1.56 -3.96
CA ASN B 190 -29.85 2.01 -3.06
C ASN B 190 -31.20 1.44 -3.49
N SER B 191 -32.13 1.41 -2.53
CA SER B 191 -33.51 1.03 -2.84
C SER B 191 -34.18 2.04 -3.76
N ARG B 192 -33.58 3.20 -3.97
CA ARG B 192 -34.06 4.19 -4.93
C ARG B 192 -33.85 3.75 -6.37
N GLY B 193 -33.03 2.72 -6.61
CA GLY B 193 -32.78 2.22 -7.95
C GLY B 193 -31.56 2.79 -8.64
N GLU B 194 -30.80 3.65 -7.96
CA GLU B 194 -29.62 4.27 -8.56
C GLU B 194 -28.39 3.39 -8.38
N ILE B 195 -27.36 3.69 -9.17
CA ILE B 195 -26.05 3.05 -9.05
C ILE B 195 -24.99 4.14 -9.05
N LYS B 196 -24.05 4.05 -8.11
CA LYS B 196 -23.00 5.03 -8.00
C LYS B 196 -21.77 4.40 -7.34
N LEU B 197 -20.60 4.91 -7.73
CA LEU B 197 -19.33 4.38 -7.27
C LEU B 197 -18.67 5.33 -6.28
N CYS B 198 -17.87 4.75 -5.37
CA CYS B 198 -17.18 5.51 -4.34
C CYS B 198 -15.69 5.18 -4.35
N ASP B 199 -14.94 5.91 -3.52
CA ASP B 199 -13.53 5.64 -3.24
C ASP B 199 -12.65 5.80 -4.48
N PHE B 200 -12.97 6.78 -5.33
CA PHE B 200 -12.14 6.99 -6.50
C PHE B 200 -11.03 7.97 -6.19
N GLY B 201 -9.93 7.85 -6.93
CA GLY B 201 -8.74 8.61 -6.66
C GLY B 201 -8.77 10.04 -7.17
N VAL B 202 -9.13 10.98 -6.30
CA VAL B 202 -9.16 12.39 -6.65
C VAL B 202 -7.87 13.10 -6.24
N SER B 203 -7.31 12.71 -5.10
CA SER B 203 -6.12 13.35 -4.55
C SER B 203 -4.89 12.55 -4.93
N GLY B 204 -3.95 13.19 -5.64
CA GLY B 204 -2.69 12.54 -5.94
C GLY B 204 -1.80 12.40 -4.73
N GLN B 205 -1.85 13.37 -3.81
CA GLN B 205 -1.03 13.28 -2.61
C GLN B 205 -1.49 12.15 -1.70
N LEU B 206 -2.81 11.96 -1.58
CA LEU B 206 -3.31 10.87 -0.76
C LEU B 206 -2.92 9.51 -1.36
N ILE B 207 -2.73 9.45 -2.68
CA ILE B 207 -2.29 8.21 -3.31
C ILE B 207 -0.85 7.90 -2.92
N ASP B 208 0.06 8.87 -3.06
CA ASP B 208 1.45 8.65 -2.73
C ASP B 208 1.69 8.49 -1.23
N SER B 209 0.80 9.03 -0.40
CA SER B 209 1.04 9.07 1.04
C SER B 209 0.37 7.94 1.81
N MET B 210 -0.76 7.41 1.32
CA MET B 210 -1.49 6.41 2.09
C MET B 210 -1.94 5.22 1.27
N ALA B 211 -2.77 5.47 0.24
CA ALA B 211 -3.47 4.39 -0.44
C ALA B 211 -2.51 3.38 -1.06
N ASN B 212 -1.31 3.81 -1.46
CA ASN B 212 -0.37 2.91 -2.12
C ASN B 212 0.16 1.84 -1.17
N SER B 213 0.25 2.13 0.13
CA SER B 213 0.89 1.23 1.08
C SER B 213 0.05 0.00 1.41
N PHE B 214 -1.26 0.00 1.16
CA PHE B 214 -2.06 -1.17 1.48
C PHE B 214 -2.00 -2.21 0.38
N VAL B 215 -2.05 -3.48 0.78
CA VAL B 215 -2.21 -4.60 -0.13
C VAL B 215 -3.16 -5.60 0.54
N GLY B 216 -4.28 -5.88 -0.11
CA GLY B 216 -5.25 -6.80 0.44
C GLY B 216 -4.91 -8.25 0.13
N THR B 217 -5.83 -9.13 0.50
CA THR B 217 -5.71 -10.52 0.10
C THR B 217 -6.07 -10.75 -1.36
N ARG B 218 -6.83 -9.83 -1.96
CA ARG B 218 -7.18 -9.85 -3.37
C ARG B 218 -6.55 -8.65 -4.07
N SER B 219 -6.47 -8.72 -5.39
CA SER B 219 -6.00 -7.61 -6.21
C SER B 219 -6.95 -7.42 -7.39
N TYR B 220 -7.38 -6.18 -7.58
CA TYR B 220 -8.19 -5.78 -8.73
C TYR B 220 -7.41 -4.93 -9.71
N MET B 221 -6.08 -4.96 -9.63
CA MET B 221 -5.25 -4.07 -10.41
C MET B 221 -4.89 -4.68 -11.77
N SER B 222 -4.86 -3.83 -12.79
CA SER B 222 -4.60 -4.27 -14.15
C SER B 222 -3.19 -4.85 -14.28
N PRO B 223 -2.96 -5.68 -15.31
CA PRO B 223 -1.62 -6.26 -15.47
C PRO B 223 -0.56 -5.23 -15.87
N GLU B 224 -0.94 -4.15 -16.54
CA GLU B 224 0.05 -3.14 -16.85
C GLU B 224 0.37 -2.24 -15.66
N ARG B 225 -0.57 -2.08 -14.72
CA ARG B 225 -0.26 -1.36 -13.49
C ARG B 225 0.69 -2.15 -12.60
N LEU B 226 0.51 -3.47 -12.54
CA LEU B 226 1.38 -4.31 -11.73
C LEU B 226 2.82 -4.27 -12.25
N GLN B 227 3.00 -4.19 -13.57
CA GLN B 227 4.34 -4.06 -14.12
C GLN B 227 4.80 -2.61 -14.17
N GLY B 228 3.99 -1.69 -13.65
CA GLY B 228 4.41 -0.32 -13.41
C GLY B 228 4.60 0.54 -14.64
N THR B 229 3.99 0.18 -15.76
CA THR B 229 3.95 1.07 -16.92
C THR B 229 2.98 2.22 -16.65
N HIS B 230 3.02 3.21 -17.55
CA HIS B 230 2.02 4.28 -17.48
C HIS B 230 0.64 3.69 -17.75
N TYR B 231 -0.23 3.73 -16.76
CA TYR B 231 -1.58 3.22 -16.90
C TYR B 231 -2.55 4.38 -17.04
N SER B 232 -3.64 4.13 -17.76
CA SER B 232 -4.68 5.12 -17.98
C SER B 232 -5.99 4.54 -17.47
N VAL B 233 -7.11 5.11 -17.94
CA VAL B 233 -8.41 4.55 -17.58
C VAL B 233 -8.56 3.14 -18.15
N GLN B 234 -7.73 2.78 -19.14
CA GLN B 234 -7.64 1.40 -19.57
C GLN B 234 -7.44 0.45 -18.40
N SER B 235 -6.58 0.84 -17.45
CA SER B 235 -6.40 0.03 -16.25
C SER B 235 -7.71 -0.10 -15.46
N ASP B 236 -8.56 0.92 -15.49
CA ASP B 236 -9.83 0.83 -14.79
C ASP B 236 -10.79 -0.11 -15.49
N ILE B 237 -10.74 -0.15 -16.82
CA ILE B 237 -11.57 -1.09 -17.57
C ILE B 237 -11.32 -2.50 -17.08
N TRP B 238 -10.04 -2.87 -16.93
CA TRP B 238 -9.70 -4.21 -16.46
C TRP B 238 -10.32 -4.47 -15.10
N SER B 239 -10.19 -3.52 -14.18
CA SER B 239 -10.78 -3.68 -12.85
C SER B 239 -12.27 -3.94 -12.94
N MET B 240 -12.97 -3.17 -13.77
CA MET B 240 -14.40 -3.40 -14.00
C MET B 240 -14.65 -4.82 -14.52
N GLY B 241 -13.86 -5.26 -15.50
CA GLY B 241 -14.05 -6.60 -16.04
C GLY B 241 -13.85 -7.67 -15.00
N LEU B 242 -12.76 -7.58 -14.23
CA LEU B 242 -12.51 -8.56 -13.17
C LEU B 242 -13.61 -8.52 -12.12
N SER B 243 -14.08 -7.33 -11.78
CA SER B 243 -15.15 -7.21 -10.80
C SER B 243 -16.43 -7.86 -11.29
N LEU B 244 -16.73 -7.70 -12.58
CA LEU B 244 -17.95 -8.28 -13.14
C LEU B 244 -17.92 -9.80 -13.05
N VAL B 245 -16.74 -10.40 -13.25
CA VAL B 245 -16.65 -11.86 -13.19
C VAL B 245 -16.88 -12.34 -11.78
N GLU B 246 -16.36 -11.62 -10.78
CA GLU B 246 -16.55 -12.01 -9.40
C GLU B 246 -18.02 -11.95 -9.02
N MET B 247 -18.71 -10.90 -9.44
CA MET B 247 -20.13 -10.78 -9.13
C MET B 247 -20.96 -11.82 -9.88
N ALA B 248 -20.57 -12.16 -11.10
CA ALA B 248 -21.36 -13.08 -11.91
C ALA B 248 -21.31 -14.50 -11.37
N VAL B 249 -20.19 -14.90 -10.77
CA VAL B 249 -20.00 -16.27 -10.31
C VAL B 249 -19.96 -16.40 -8.79
N GLY B 250 -19.92 -15.28 -8.06
CA GLY B 250 -19.86 -15.31 -6.61
C GLY B 250 -18.53 -15.69 -6.03
N ARG B 251 -17.47 -15.77 -6.84
CA ARG B 251 -16.14 -16.12 -6.38
C ARG B 251 -15.14 -15.18 -7.02
N TYR B 252 -14.11 -14.82 -6.28
CA TYR B 252 -13.03 -14.05 -6.86
C TYR B 252 -12.36 -14.88 -7.94
N PRO B 253 -12.23 -14.36 -9.17
CA PRO B 253 -11.99 -15.24 -10.33
C PRO B 253 -10.63 -15.93 -10.37
N ILE B 254 -9.55 -15.27 -9.94
CA ILE B 254 -8.21 -15.82 -10.06
C ILE B 254 -7.77 -16.34 -8.70
N PRO B 255 -7.21 -17.57 -8.60
CA PRO B 255 -7.05 -18.49 -9.73
C PRO B 255 -8.37 -19.10 -10.18
N PRO B 256 -8.51 -19.34 -11.48
CA PRO B 256 -9.77 -19.85 -12.03
C PRO B 256 -10.23 -21.10 -11.30
N PRO B 257 -11.55 -21.25 -11.12
CA PRO B 257 -12.06 -22.41 -10.38
C PRO B 257 -11.80 -23.71 -11.12
N ASP B 258 -11.88 -24.81 -10.36
CA ASP B 258 -11.75 -26.13 -10.95
C ASP B 258 -12.97 -26.44 -11.81
N ALA B 259 -12.83 -27.47 -12.66
CA ALA B 259 -13.89 -27.81 -13.59
C ALA B 259 -15.18 -28.21 -12.86
N LYS B 260 -15.05 -29.04 -11.81
CA LYS B 260 -16.23 -29.45 -11.06
C LYS B 260 -16.65 -28.42 -10.01
N GLU B 261 -15.73 -27.55 -9.58
CA GLU B 261 -16.12 -26.45 -8.70
C GLU B 261 -17.06 -25.49 -9.40
N LEU B 262 -16.91 -25.33 -10.72
CA LEU B 262 -17.78 -24.43 -11.47
C LEU B 262 -19.22 -24.92 -11.45
N GLU B 263 -19.42 -26.24 -11.56
CA GLU B 263 -20.78 -26.78 -11.60
C GLU B 263 -21.53 -26.53 -10.29
N LEU B 264 -20.82 -26.56 -9.16
CA LEU B 264 -21.47 -26.30 -7.88
C LEU B 264 -22.04 -24.89 -7.83
N MET B 265 -21.29 -23.91 -8.31
CA MET B 265 -21.71 -22.51 -8.29
C MET B 265 -22.83 -22.22 -9.28
N PRO B 298 -5.91 -19.80 0.65
CA PRO B 298 -4.53 -20.09 1.07
C PRO B 298 -3.51 -19.87 -0.03
N MET B 299 -3.27 -18.60 -0.39
CA MET B 299 -2.32 -18.26 -1.44
C MET B 299 -1.63 -16.94 -1.08
N ALA B 300 -0.30 -16.90 -1.22
CA ALA B 300 0.44 -15.67 -0.99
C ALA B 300 0.08 -14.63 -2.05
N ILE B 301 0.39 -13.37 -1.74
CA ILE B 301 -0.08 -12.29 -2.59
C ILE B 301 0.73 -12.22 -3.89
N PHE B 302 2.00 -12.62 -3.87
CA PHE B 302 2.78 -12.52 -5.10
C PHE B 302 2.33 -13.56 -6.12
N GLU B 303 2.04 -14.78 -5.67
CA GLU B 303 1.51 -15.78 -6.59
C GLU B 303 0.21 -15.31 -7.21
N LEU B 304 -0.56 -14.50 -6.48
CA LEU B 304 -1.73 -13.86 -7.06
C LEU B 304 -1.32 -12.88 -8.16
N LEU B 305 -0.37 -12.00 -7.86
CA LEU B 305 0.00 -10.96 -8.80
C LEU B 305 0.73 -11.54 -10.01
N ASP B 306 1.54 -12.57 -9.78
CA ASP B 306 2.24 -13.20 -10.90
C ASP B 306 1.26 -13.92 -11.82
N TYR B 307 0.15 -14.44 -11.28
CA TYR B 307 -0.86 -15.06 -12.13
C TYR B 307 -1.53 -14.02 -13.03
N ILE B 308 -1.89 -12.86 -12.46
CA ILE B 308 -2.50 -11.80 -13.25
C ILE B 308 -1.60 -11.36 -14.40
N VAL B 309 -0.29 -11.39 -14.20
CA VAL B 309 0.63 -10.90 -15.22
C VAL B 309 1.01 -12.00 -16.21
N ASN B 310 1.19 -13.22 -15.76
CA ASN B 310 1.79 -14.25 -16.61
C ASN B 310 0.83 -15.37 -16.98
N GLU B 311 -0.46 -15.20 -16.73
CA GLU B 311 -1.43 -16.24 -17.02
C GLU B 311 -2.62 -15.67 -17.77
N PRO B 312 -3.38 -16.51 -18.45
CA PRO B 312 -4.55 -16.02 -19.18
C PRO B 312 -5.51 -15.32 -18.23
N PRO B 313 -6.20 -14.28 -18.71
CA PRO B 313 -7.17 -13.58 -17.87
C PRO B 313 -8.40 -14.43 -17.62
N PRO B 314 -9.22 -14.08 -16.64
CA PRO B 314 -10.45 -14.83 -16.40
C PRO B 314 -11.40 -14.68 -17.57
N LYS B 315 -12.34 -15.62 -17.65
CA LYS B 315 -13.41 -15.54 -18.62
C LYS B 315 -14.66 -16.14 -17.99
N LEU B 316 -15.82 -15.68 -18.44
CA LEU B 316 -17.06 -16.22 -17.95
C LEU B 316 -17.29 -17.62 -18.52
N PRO B 317 -18.01 -18.48 -17.80
CA PRO B 317 -18.31 -19.82 -18.34
C PRO B 317 -19.21 -19.74 -19.57
N SER B 318 -18.86 -20.54 -20.58
CA SER B 318 -19.53 -20.45 -21.88
C SER B 318 -20.96 -20.98 -21.86
N ALA B 319 -21.35 -21.70 -20.82
CA ALA B 319 -22.64 -22.39 -20.80
C ALA B 319 -23.77 -21.56 -20.20
N VAL B 320 -23.44 -20.57 -19.38
CA VAL B 320 -24.42 -19.86 -18.59
C VAL B 320 -24.75 -18.47 -19.11
N PHE B 321 -23.79 -17.76 -19.70
CA PHE B 321 -23.98 -16.35 -20.02
C PHE B 321 -23.92 -16.11 -21.53
N SER B 322 -24.60 -15.05 -21.97
CA SER B 322 -24.68 -14.77 -23.41
C SER B 322 -23.33 -14.33 -23.97
N LEU B 323 -23.20 -14.43 -25.30
CA LEU B 323 -22.00 -13.94 -25.98
C LEU B 323 -21.77 -12.47 -25.69
N GLU B 324 -22.83 -11.66 -25.76
CA GLU B 324 -22.68 -10.24 -25.51
C GLU B 324 -22.04 -9.99 -24.15
N PHE B 325 -22.42 -10.78 -23.15
CA PHE B 325 -21.80 -10.65 -21.84
C PHE B 325 -20.39 -11.24 -21.85
N GLN B 326 -20.24 -12.47 -22.37
CA GLN B 326 -18.94 -13.12 -22.42
C GLN B 326 -17.94 -12.26 -23.18
N ASP B 327 -18.34 -11.74 -24.34
CA ASP B 327 -17.43 -10.91 -25.12
C ASP B 327 -17.17 -9.58 -24.44
N PHE B 328 -18.16 -9.05 -23.72
CA PHE B 328 -17.96 -7.78 -23.01
C PHE B 328 -16.80 -7.89 -22.02
N VAL B 329 -16.83 -8.90 -21.15
CA VAL B 329 -15.76 -9.05 -20.18
C VAL B 329 -14.46 -9.43 -20.87
N ASN B 330 -14.53 -10.20 -21.97
CA ASN B 330 -13.31 -10.56 -22.68
C ASN B 330 -12.62 -9.33 -23.26
N LYS B 331 -13.40 -8.36 -23.72
CA LYS B 331 -12.81 -7.12 -24.20
C LYS B 331 -12.32 -6.25 -23.05
N CYS B 332 -12.91 -6.40 -21.86
CA CYS B 332 -12.43 -5.67 -20.70
C CYS B 332 -11.15 -6.27 -20.13
N LEU B 333 -10.98 -7.58 -20.27
CA LEU B 333 -9.90 -8.32 -19.64
C LEU B 333 -8.76 -8.64 -20.59
N ILE B 334 -8.67 -7.97 -21.74
CA ILE B 334 -7.48 -8.11 -22.57
C ILE B 334 -6.29 -7.54 -21.82
N LYS B 335 -5.20 -8.31 -21.78
CA LYS B 335 -4.04 -7.91 -20.98
C LYS B 335 -3.38 -6.66 -21.54
N ASN B 336 -3.24 -6.58 -22.85
CA ASN B 336 -2.66 -5.37 -23.45
C ASN B 336 -3.69 -4.26 -23.40
N PRO B 337 -3.41 -3.13 -22.73
CA PRO B 337 -4.41 -2.05 -22.66
C PRO B 337 -4.65 -1.37 -23.99
N ALA B 338 -3.73 -1.47 -24.94
CA ALA B 338 -3.94 -0.87 -26.25
C ALA B 338 -5.04 -1.60 -27.01
N GLU B 339 -5.05 -2.93 -26.94
CA GLU B 339 -6.12 -3.71 -27.56
C GLU B 339 -7.36 -3.79 -26.68
N ARG B 340 -7.21 -3.60 -25.37
CA ARG B 340 -8.36 -3.57 -24.48
C ARG B 340 -9.33 -2.49 -24.91
N ALA B 341 -10.62 -2.73 -24.67
CA ALA B 341 -11.64 -1.78 -25.09
C ALA B 341 -11.57 -0.51 -24.26
N ASP B 342 -11.67 0.64 -24.93
CA ASP B 342 -11.77 1.91 -24.22
C ASP B 342 -13.24 2.16 -23.89
N LEU B 343 -13.55 3.35 -23.35
CA LEU B 343 -14.92 3.59 -22.92
C LEU B 343 -15.82 3.92 -24.10
N LYS B 344 -15.27 4.57 -25.12
CA LYS B 344 -16.04 4.78 -26.34
C LYS B 344 -16.47 3.44 -26.94
N GLN B 345 -15.53 2.52 -27.12
CA GLN B 345 -15.86 1.22 -27.71
C GLN B 345 -16.79 0.42 -26.81
N LEU B 346 -16.68 0.58 -25.49
CA LEU B 346 -17.51 -0.18 -24.56
C LEU B 346 -18.94 0.36 -24.50
N MET B 347 -19.12 1.67 -24.62
CA MET B 347 -20.46 2.24 -24.57
C MET B 347 -21.33 1.75 -25.73
N VAL B 348 -20.72 1.51 -26.90
CA VAL B 348 -21.44 1.07 -28.08
C VAL B 348 -21.41 -0.45 -28.23
N HIS B 349 -20.87 -1.17 -27.26
CA HIS B 349 -20.82 -2.62 -27.33
C HIS B 349 -22.22 -3.22 -27.23
N ALA B 350 -22.40 -4.36 -27.91
CA ALA B 350 -23.72 -4.96 -28.01
C ALA B 350 -24.33 -5.23 -26.64
N PHE B 351 -23.52 -5.63 -25.67
CA PHE B 351 -24.04 -5.93 -24.34
C PHE B 351 -24.57 -4.68 -23.66
N ILE B 352 -24.02 -3.52 -23.98
CA ILE B 352 -24.51 -2.27 -23.39
C ILE B 352 -25.81 -1.84 -24.07
N LYS B 353 -25.83 -1.87 -25.41
CA LYS B 353 -27.04 -1.53 -26.15
C LYS B 353 -28.22 -2.39 -25.69
N ARG B 354 -27.97 -3.66 -25.38
CA ARG B 354 -29.02 -4.54 -24.88
C ARG B 354 -29.58 -4.03 -23.56
N SER B 355 -28.75 -3.98 -22.53
CA SER B 355 -29.25 -3.69 -21.19
C SER B 355 -29.75 -2.25 -21.06
N ASP B 356 -29.20 -1.31 -21.83
CA ASP B 356 -29.67 0.07 -21.76
C ASP B 356 -31.11 0.16 -22.24
N ALA B 357 -31.45 -0.59 -23.29
CA ALA B 357 -32.81 -0.66 -23.81
C ALA B 357 -33.68 -1.64 -23.04
N GLU B 358 -33.11 -2.40 -22.10
CA GLU B 358 -33.88 -3.38 -21.34
C GLU B 358 -34.75 -2.70 -20.29
N GLU B 359 -35.60 -3.51 -19.66
CA GLU B 359 -36.55 -3.04 -18.65
C GLU B 359 -36.38 -3.92 -17.42
N VAL B 360 -35.57 -3.45 -16.47
CA VAL B 360 -35.45 -4.11 -15.18
C VAL B 360 -35.89 -3.13 -14.10
N ASP B 361 -36.56 -3.65 -13.08
CA ASP B 361 -36.91 -2.89 -11.89
C ASP B 361 -35.83 -3.22 -10.86
N PHE B 362 -34.79 -2.38 -10.83
CA PHE B 362 -33.65 -2.67 -9.99
C PHE B 362 -34.02 -2.63 -8.51
N ALA B 363 -34.80 -1.64 -8.10
CA ALA B 363 -35.19 -1.51 -6.70
C ALA B 363 -35.88 -2.77 -6.19
N GLY B 364 -36.63 -3.47 -7.06
CA GLY B 364 -37.33 -4.67 -6.62
C GLY B 364 -36.40 -5.82 -6.33
N TRP B 365 -35.38 -6.04 -7.19
CA TRP B 365 -34.41 -7.09 -6.93
C TRP B 365 -33.65 -6.83 -5.64
N LEU B 366 -33.18 -5.60 -5.46
CA LEU B 366 -32.31 -5.27 -4.33
C LEU B 366 -33.02 -5.48 -3.00
N CYS B 367 -34.24 -4.96 -2.87
CA CYS B 367 -34.95 -5.04 -1.60
C CYS B 367 -35.43 -6.45 -1.31
N SER B 368 -35.74 -7.24 -2.35
CA SER B 368 -36.16 -8.61 -2.12
C SER B 368 -34.98 -9.57 -1.95
N THR B 369 -33.77 -9.13 -2.32
CA THR B 369 -32.59 -9.97 -2.12
C THR B 369 -32.10 -9.92 -0.68
N ILE B 370 -32.07 -8.73 -0.08
CA ILE B 370 -31.51 -8.56 1.25
C ILE B 370 -32.57 -8.30 2.31
N GLY B 371 -33.71 -7.72 1.95
CA GLY B 371 -34.78 -7.51 2.91
C GLY B 371 -34.95 -6.07 3.36
N LEU B 372 -34.95 -5.14 2.41
CA LEU B 372 -35.18 -3.73 2.67
C LEU B 372 -36.50 -3.29 2.05
N ASN B 373 -36.79 -2.00 2.15
CA ASN B 373 -38.01 -1.44 1.58
C ASN B 373 -37.81 0.03 1.20
PG ANP C . 11.36 2.96 9.85
O1G ANP C . 10.74 2.32 8.65
O2G ANP C . 12.34 1.95 10.56
O3G ANP C . 10.24 3.40 10.88
PB ANP C . 13.19 4.81 10.58
O1B ANP C . 14.46 4.02 10.55
O2B ANP C . 13.50 6.33 10.46
N3B ANP C . 12.21 4.33 9.33
PA ANP C . 13.15 4.22 13.30
O1A ANP C . 14.33 3.36 13.09
O2A ANP C . 12.06 3.70 14.24
O3A ANP C . 12.41 4.51 11.91
O5' ANP C . 13.66 5.62 13.79
C5' ANP C . 12.67 6.64 14.02
C4' ANP C . 13.35 7.98 14.10
O4' ANP C . 14.44 7.90 15.05
C3' ANP C . 13.96 8.49 12.80
O3' ANP C . 13.84 9.91 12.75
C2' ANP C . 15.42 8.07 12.91
O2' ANP C . 16.28 8.93 12.18
C1' ANP C . 15.66 8.23 14.42
N9 ANP C . 16.72 7.39 14.95
C8 ANP C . 16.71 6.01 15.06
N7 ANP C . 17.81 5.52 15.59
C5 ANP C . 18.58 6.64 15.85
C6 ANP C . 19.86 6.79 16.41
N6 ANP C . 20.63 5.78 16.83
N1 ANP C . 20.35 8.06 16.53
C2 ANP C . 19.60 9.08 16.12
N3 ANP C . 18.37 9.05 15.57
C4 ANP C . 17.92 7.79 15.46
PG ANP D . -11.42 -0.49 0.49
O1G ANP D . -10.83 -0.26 1.85
O2G ANP D . -10.24 -0.53 -0.55
O3G ANP D . -12.40 0.69 0.13
PB ANP D . -13.76 -1.71 1.21
O1B ANP D . -14.63 -1.01 0.22
O2B ANP D . -14.41 -3.06 1.60
N3B ANP D . -12.25 -1.96 0.52
PA ANP D . -14.39 0.56 2.73
O1A ANP D . -14.60 1.36 1.51
O2A ANP D . -13.58 1.34 3.76
O3A ANP D . -13.60 -0.82 2.48
O5' ANP D . -15.82 0.13 3.29
C5' ANP D . -16.64 -0.82 2.59
C4' ANP D . -17.81 -1.18 3.44
O4' ANP D . -18.43 0.04 3.94
C3' ANP D . -18.93 -1.91 2.72
O3' ANP D . -19.69 -2.69 3.63
C2' ANP D . -19.75 -0.75 2.12
O2' ANP D . -21.11 -1.11 1.94
C1' ANP D . -19.61 0.33 3.20
N9 ANP D . -19.50 1.68 2.67
C8 ANP D . -18.36 2.35 2.35
N7 ANP D . -18.55 3.57 1.90
C5 ANP D . -19.93 3.70 1.94
C6 ANP D . -20.79 4.77 1.58
N6 ANP D . -20.36 5.94 1.11
N1 ANP D . -22.12 4.58 1.73
C2 ANP D . -22.55 3.40 2.20
N3 ANP D . -21.84 2.33 2.57
C4 ANP D . -20.53 2.55 2.40
O3 3EW E . -8.25 2.49 1.26
C4 3EW E . -10.69 9.78 -2.00
C5 3EW E . -11.35 8.73 -1.35
C6 3EW E . -10.69 7.49 -1.23
N1 3EW E . -12.67 8.89 -0.78
C7 3EW E . -11.38 6.33 -0.53
C8 3EW E . -13.87 9.21 -1.55
N2 3EW E . -10.65 5.09 -0.34
C9 3EW E . -13.77 9.84 -2.78
C10 3EW E . -14.91 10.18 -3.51
C11 3EW E . -16.16 9.88 -3.01
C12 3EW E . -16.28 9.25 -1.78
N3 3EW E . -7.58 8.47 -3.01
C13 3EW E . -15.14 8.92 -1.05
C14 3EW E . -7.44 9.70 -3.49
C15 3EW E . -10.40 3.54 1.33
N4 3EW E . -8.53 10.40 -3.22
BR1 3EW E . -17.72 10.35 -4.04
CL1 3EW E . -15.33 8.12 0.53
F1 3EW E . -11.27 11.01 -2.13
C3 3EW E . -9.39 9.59 -2.55
C17 3EW E . -6.61 7.38 -3.10
C2 3EW E . -8.79 8.37 -2.43
C1 3EW E . -9.43 7.30 -1.76
O1 3EW E . -12.48 6.46 -0.12
O2 3EW E . -11.23 3.99 0.31
C16 3EW E . -9.56 2.41 0.75
#